data_6P8O
#
_entry.id   6P8O
#
_cell.length_a   65.421
_cell.length_b   30.585
_cell.length_c   74.911
_cell.angle_alpha   90.00
_cell.angle_beta   101.57
_cell.angle_gamma   90.00
#
_symmetry.space_group_name_H-M   'P 1 21 1'
#
loop_
_entity.id
_entity.type
_entity.pdbx_description
1 polymer 'HORMA domain containing protein'
2 polymer 'HORMA domain containing protein'
3 non-polymer 'NICKEL (II) ION'
4 non-polymer 'CHLORIDE ION'
5 water water
#
loop_
_entity_poly.entity_id
_entity_poly.type
_entity_poly.pdbx_seq_one_letter_code
_entity_poly.pdbx_strand_id
1 'polypeptide(L)'
;MSTVATYSYTHSVTYVTDNILKSLKDIILLSGLDPEHFADRWESNTRAI(MLY)TWLGTGDLRKVILEIYNPATDKLVTR
WDIDIVYGWSDGDGSFWTDTEQLKYAIKKAGLLPSQAKYKLMLDT(MLY)PGRPDVEGWSK
;
A
2 'polypeptide(L)'
;MSTVATYSYTHSVTYVTDNILKSLKDIILLSGLDPEHFADRWESNTRAIKTWLGTGDLRKVILEIYNPATDKLVTRWDID
IVYGWSDGDGSFWTDTEQLKYAIKKAGLLPSQAKYKLMLDTKPGRPDVEGWSK
;
B
#
loop_
_chem_comp.id
_chem_comp.type
_chem_comp.name
_chem_comp.formula
CL non-polymer 'CHLORIDE ION' 'Cl -1'
NI non-polymer 'NICKEL (II) ION' 'Ni 2'
#
# COMPACT_ATOMS: atom_id res chain seq x y z
N SER A 2 -13.16 -1.88 -3.17
CA SER A 2 -12.00 -1.06 -2.86
C SER A 2 -10.80 -1.46 -3.72
N THR A 3 -10.75 -0.96 -4.96
CA THR A 3 -9.69 -1.36 -5.89
C THR A 3 -8.40 -0.60 -5.60
N VAL A 4 -7.31 -1.33 -5.41
CA VAL A 4 -6.01 -0.77 -5.11
C VAL A 4 -5.02 -1.20 -6.18
N ALA A 5 -4.21 -0.26 -6.63
CA ALA A 5 -3.06 -0.53 -7.48
C ALA A 5 -1.81 -0.23 -6.68
N THR A 6 -0.87 -1.16 -6.65
CA THR A 6 0.35 -1.03 -5.85
C THR A 6 1.53 -0.76 -6.77
N TYR A 7 2.19 0.37 -6.57
CA TYR A 7 3.50 0.63 -7.16
C TYR A 7 4.53 0.14 -6.16
N SER A 8 5.07 -1.07 -6.40
CA SER A 8 6.16 -1.59 -5.61
C SER A 8 7.47 -1.20 -6.27
N TYR A 9 8.40 -0.64 -5.49
CA TYR A 9 9.69 -0.23 -6.03
C TYR A 9 10.55 -1.42 -6.44
N THR A 10 10.09 -2.64 -6.19
CA THR A 10 10.70 -3.82 -6.76
C THR A 10 10.56 -3.86 -8.29
N HIS A 11 9.68 -3.04 -8.84
CA HIS A 11 9.42 -3.01 -10.27
C HIS A 11 9.69 -1.62 -10.83
N SER A 12 10.02 -1.58 -12.12
CA SER A 12 10.25 -0.29 -12.77
C SER A 12 8.95 0.49 -12.94
N VAL A 13 9.06 1.81 -12.84
CA VAL A 13 7.85 2.65 -12.87
C VAL A 13 7.18 2.57 -14.23
N THR A 14 7.93 2.35 -15.31
CA THR A 14 7.31 2.24 -16.63
C THR A 14 6.51 0.96 -16.75
N TYR A 15 7.04 -0.15 -16.21
CA TYR A 15 6.31 -1.41 -16.23
C TYR A 15 5.05 -1.33 -15.38
N VAL A 16 5.17 -0.76 -14.18
CA VAL A 16 4.02 -0.57 -13.31
C VAL A 16 2.97 0.28 -14.01
N THR A 17 3.41 1.36 -14.65
CA THR A 17 2.46 2.24 -15.34
C THR A 17 1.73 1.48 -16.44
N ASP A 18 2.46 0.70 -17.24
CA ASP A 18 1.80 -0.03 -18.32
C ASP A 18 0.82 -1.05 -17.77
N ASN A 19 1.15 -1.68 -16.63
CA ASN A 19 0.25 -2.66 -16.05
C ASN A 19 -1.02 -2.01 -15.50
N ILE A 20 -0.90 -0.81 -14.92
CA ILE A 20 -2.07 -0.06 -14.48
C ILE A 20 -2.98 0.20 -15.68
N LEU A 21 -2.41 0.72 -16.76
CA LEU A 21 -3.23 1.03 -17.93
C LEU A 21 -3.82 -0.23 -18.54
N LYS A 22 -3.06 -1.33 -18.55
CA LYS A 22 -3.62 -2.57 -19.08
C LYS A 22 -4.78 -3.06 -18.23
N SER A 23 -4.72 -2.88 -16.92
CA SER A 23 -5.83 -3.29 -16.07
C SER A 23 -7.06 -2.40 -16.32
N LEU A 24 -6.84 -1.12 -16.56
CA LEU A 24 -7.94 -0.23 -16.92
C LEU A 24 -8.50 -0.57 -18.28
N LYS A 25 -7.63 -0.88 -19.24
CA LYS A 25 -8.08 -1.30 -20.56
C LYS A 25 -9.00 -2.52 -20.45
N ASP A 26 -8.65 -3.48 -19.60
CA ASP A 26 -9.49 -4.65 -19.41
C ASP A 26 -10.86 -4.28 -18.88
N ILE A 27 -10.92 -3.34 -17.93
CA ILE A 27 -12.19 -2.88 -17.40
C ILE A 27 -13.04 -2.27 -18.51
N ILE A 28 -12.43 -1.41 -19.31
CA ILE A 28 -13.14 -0.75 -20.40
C ILE A 28 -13.64 -1.78 -21.40
N LEU A 29 -12.79 -2.72 -21.79
CA LEU A 29 -13.20 -3.78 -22.70
C LEU A 29 -14.34 -4.60 -22.12
N LEU A 30 -14.17 -5.12 -20.89
CA LEU A 30 -15.17 -6.00 -20.31
C LEU A 30 -16.48 -5.28 -20.08
N SER A 31 -16.45 -3.97 -19.88
CA SER A 31 -17.69 -3.22 -19.65
C SER A 31 -18.45 -2.94 -20.94
N GLY A 32 -17.88 -3.25 -22.10
CA GLY A 32 -18.53 -2.98 -23.36
C GLY A 32 -18.24 -1.62 -23.95
N LEU A 33 -17.41 -0.82 -23.29
CA LEU A 33 -17.09 0.50 -23.79
C LEU A 33 -16.17 0.41 -25.00
N ASP A 34 -16.24 1.43 -25.86
CA ASP A 34 -15.39 1.49 -27.04
C ASP A 34 -13.95 1.73 -26.61
N PRO A 35 -13.00 0.85 -26.94
CA PRO A 35 -11.63 1.03 -26.45
C PRO A 35 -10.78 2.04 -27.21
N GLU A 36 -11.32 2.67 -28.27
CA GLU A 36 -10.49 3.51 -29.13
C GLU A 36 -9.95 4.72 -28.36
N HIS A 37 -10.81 5.41 -27.63
CA HIS A 37 -10.37 6.62 -26.94
C HIS A 37 -9.23 6.31 -25.98
N PHE A 38 -9.34 5.21 -25.23
CA PHE A 38 -8.28 4.86 -24.29
C PHE A 38 -6.98 4.55 -25.01
N ALA A 39 -7.05 3.88 -26.17
CA ALA A 39 -5.85 3.63 -26.95
C ALA A 39 -5.23 4.93 -27.45
N ASP A 40 -6.07 5.85 -27.92
CA ASP A 40 -5.56 7.14 -28.39
C ASP A 40 -4.87 7.91 -27.27
N ARG A 41 -5.33 7.74 -26.04
CA ARG A 41 -4.81 8.48 -24.90
C ARG A 41 -3.66 7.76 -24.19
N TRP A 42 -3.22 6.61 -24.71
CA TRP A 42 -2.25 5.78 -23.97
C TRP A 42 -0.96 6.54 -23.70
N GLU A 43 -0.44 7.25 -24.69
CA GLU A 43 0.83 7.96 -24.53
C GLU A 43 0.74 9.04 -23.47
N SER A 44 -0.34 9.82 -23.49
CA SER A 44 -0.49 10.91 -22.53
C SER A 44 -0.79 10.37 -21.14
N ASN A 45 -1.67 9.39 -21.03
CA ASN A 45 -1.94 8.78 -19.73
C ASN A 45 -0.67 8.16 -19.16
N THR A 46 0.12 7.51 -20.01
CA THR A 46 1.39 6.94 -19.54
C THR A 46 2.30 8.02 -18.97
N ARG A 47 2.44 9.14 -19.68
CA ARG A 47 3.35 10.18 -19.21
C ARG A 47 2.96 10.69 -17.84
N ALA A 48 1.66 10.98 -17.65
CA ALA A 48 1.21 11.55 -16.38
C ALA A 48 1.33 10.54 -15.24
N ILE A 49 0.87 9.31 -15.47
CA ILE A 49 0.91 8.29 -14.39
C ILE A 49 2.36 7.98 -14.03
N MLY A 50 3.21 7.77 -15.03
CA MLY A 50 4.61 7.46 -14.77
CB MLY A 50 5.42 7.34 -16.03
CG MLY A 50 6.83 6.88 -15.92
CD MLY A 50 7.66 7.37 -17.06
CE MLY A 50 8.06 8.80 -16.93
NZ MLY A 50 9.17 9.10 -15.99
CH1 MLY A 50 10.41 8.49 -16.48
CH2 MLY A 50 9.37 10.55 -15.98
C MLY A 50 5.25 8.55 -13.91
O MLY A 50 5.92 8.28 -12.94
H MLY A 50 2.99 7.80 -15.87
HA MLY A 50 4.64 6.59 -14.32
HB2 MLY A 50 5.44 8.21 -16.46
HB3 MLY A 50 4.97 6.71 -16.63
HG2 MLY A 50 6.84 5.91 -15.91
HG3 MLY A 50 7.20 7.21 -15.10
HD2 MLY A 50 7.16 7.27 -17.88
HD3 MLY A 50 8.47 6.82 -17.11
HE2 MLY A 50 7.30 9.31 -16.63
HE3 MLY A 50 8.35 9.12 -17.79
HH11 MLY A 50 11.25 9.13 -16.22
HH12 MLY A 50 10.36 8.39 -17.57
HH13 MLY A 50 10.54 7.50 -16.04
HH21 MLY A 50 10.23 10.79 -15.35
HH22 MLY A 50 8.48 11.03 -15.58
HH23 MLY A 50 9.55 10.89 -17.00
N THR A 51 5.06 9.80 -14.34
CA THR A 51 5.69 10.92 -13.68
C THR A 51 5.22 11.06 -12.24
N TRP A 52 3.90 11.03 -12.04
CA TRP A 52 3.36 11.25 -10.71
C TRP A 52 3.46 10.03 -9.80
N LEU A 53 3.60 8.82 -10.34
CA LEU A 53 4.04 7.71 -9.50
C LEU A 53 5.48 7.94 -9.05
N GLY A 54 6.33 8.40 -9.97
CA GLY A 54 7.74 8.60 -9.64
C GLY A 54 7.96 9.66 -8.60
N THR A 55 7.12 10.71 -8.57
CA THR A 55 7.21 11.73 -7.55
C THR A 55 6.44 11.41 -6.30
N GLY A 56 5.64 10.34 -6.30
CA GLY A 56 4.79 10.04 -5.17
C GLY A 56 3.56 10.90 -5.00
N ASP A 57 3.22 11.68 -6.03
CA ASP A 57 2.09 12.60 -5.97
C ASP A 57 0.78 11.97 -6.38
N LEU A 58 0.81 10.83 -7.09
CA LEU A 58 -0.44 10.22 -7.56
C LEU A 58 -1.15 9.54 -6.40
N ARG A 59 -2.41 9.91 -6.18
CA ARG A 59 -3.21 9.36 -5.12
C ARG A 59 -4.25 8.36 -5.60
N LYS A 60 -4.95 8.69 -6.70
CA LYS A 60 -5.98 7.82 -7.24
C LYS A 60 -6.00 7.99 -8.75
N VAL A 61 -6.35 6.91 -9.44
CA VAL A 61 -6.72 6.95 -10.86
C VAL A 61 -8.22 6.71 -10.92
N ILE A 62 -8.93 7.59 -11.63
CA ILE A 62 -10.39 7.59 -11.63
C ILE A 62 -10.87 7.42 -13.05
N LEU A 63 -11.68 6.39 -13.29
CA LEU A 63 -12.33 6.22 -14.58
C LEU A 63 -13.73 6.84 -14.48
N GLU A 64 -13.98 7.89 -15.26
CA GLU A 64 -15.25 8.60 -15.25
C GLU A 64 -16.03 8.23 -16.48
N ILE A 65 -17.23 7.69 -16.29
CA ILE A 65 -18.15 7.37 -17.38
C ILE A 65 -19.19 8.48 -17.42
N TYR A 66 -19.48 9.00 -18.62
CA TYR A 66 -20.44 10.07 -18.73
C TYR A 66 -21.34 9.85 -19.94
N ASN A 67 -22.47 10.54 -19.92
CA ASN A 67 -23.46 10.45 -20.99
C ASN A 67 -23.16 11.55 -22.01
N PRO A 68 -22.71 11.22 -23.22
CA PRO A 68 -22.36 12.28 -24.19
C PRO A 68 -23.56 13.04 -24.72
N ALA A 69 -24.79 12.58 -24.45
CA ALA A 69 -25.98 13.30 -24.88
C ALA A 69 -26.29 14.46 -23.96
N THR A 70 -26.02 14.31 -22.66
CA THR A 70 -26.24 15.36 -21.68
C THR A 70 -24.96 15.84 -21.00
N ASP A 71 -23.86 15.12 -21.16
CA ASP A 71 -22.57 15.44 -20.55
C ASP A 71 -22.58 15.34 -19.03
N LYS A 72 -23.48 14.55 -18.46
CA LYS A 72 -23.54 14.35 -17.02
C LYS A 72 -22.91 13.01 -16.66
N LEU A 73 -22.41 12.93 -15.42
CA LEU A 73 -21.70 11.75 -14.96
C LEU A 73 -22.64 10.55 -14.88
N VAL A 74 -22.15 9.40 -15.34
CA VAL A 74 -22.87 8.15 -15.15
C VAL A 74 -22.39 7.42 -13.91
N THR A 75 -21.08 7.28 -13.78
CA THR A 75 -20.48 6.66 -12.61
C THR A 75 -18.99 6.94 -12.62
N ARG A 76 -18.38 6.77 -11.44
CA ARG A 76 -16.94 6.90 -11.26
C ARG A 76 -16.41 5.61 -10.66
N TRP A 77 -15.26 5.17 -11.15
CA TRP A 77 -14.59 4.01 -10.58
C TRP A 77 -13.21 4.45 -10.10
N ASP A 78 -12.98 4.37 -8.79
CA ASP A 78 -11.75 4.86 -8.19
C ASP A 78 -10.76 3.73 -7.98
N ILE A 79 -9.51 3.98 -8.37
CA ILE A 79 -8.40 3.09 -8.06
C ILE A 79 -7.46 3.85 -7.13
N ASP A 80 -7.31 3.36 -5.90
CA ASP A 80 -6.41 3.98 -4.94
C ASP A 80 -5.00 3.48 -5.18
N ILE A 81 -4.02 4.40 -5.12
CA ILE A 81 -2.62 4.05 -5.32
C ILE A 81 -1.96 3.82 -3.98
N VAL A 82 -1.17 2.74 -3.89
CA VAL A 82 -0.31 2.50 -2.74
C VAL A 82 1.10 2.28 -3.25
N TYR A 83 2.06 2.59 -2.39
CA TYR A 83 3.49 2.55 -2.69
C TYR A 83 4.18 1.66 -1.67
N GLY A 84 5.11 0.83 -2.13
CA GLY A 84 5.82 -0.03 -1.20
C GLY A 84 6.88 -0.85 -1.88
N TRP A 85 7.25 -1.94 -1.22
CA TRP A 85 8.27 -2.87 -1.70
C TRP A 85 7.69 -4.27 -1.71
N GLY A 88 3.74 -5.97 -5.33
CA GLY A 88 2.98 -5.13 -6.25
C GLY A 88 3.62 -5.03 -7.62
N ASP A 89 2.80 -5.04 -8.66
CA ASP A 89 3.28 -4.84 -10.02
C ASP A 89 2.43 -3.86 -10.82
N GLY A 90 1.44 -3.25 -10.20
CA GLY A 90 0.55 -2.34 -10.86
C GLY A 90 -0.76 -2.96 -11.33
N SER A 91 -0.76 -4.27 -11.58
CA SER A 91 -1.96 -4.93 -12.11
C SER A 91 -3.02 -5.07 -11.02
N PHE A 92 -4.29 -5.03 -11.44
CA PHE A 92 -5.39 -5.22 -10.53
C PHE A 92 -6.58 -5.78 -11.28
N TRP A 93 -7.47 -6.42 -10.55
CA TRP A 93 -8.67 -7.03 -11.10
C TRP A 93 -9.85 -6.65 -10.22
N THR A 94 -10.99 -6.43 -10.85
CA THR A 94 -12.21 -6.04 -10.13
C THR A 94 -13.41 -6.67 -10.81
N ASP A 95 -14.55 -6.56 -10.15
CA ASP A 95 -15.82 -6.95 -10.76
C ASP A 95 -16.29 -5.79 -11.62
N THR A 96 -16.32 -5.99 -12.94
CA THR A 96 -16.79 -4.96 -13.85
C THR A 96 -18.31 -4.85 -13.86
N GLU A 97 -19.02 -5.68 -13.09
CA GLU A 97 -20.47 -5.59 -13.07
C GLU A 97 -20.93 -4.23 -12.59
N GLN A 98 -20.23 -3.63 -11.64
CA GLN A 98 -20.59 -2.30 -11.15
C GLN A 98 -20.69 -1.30 -12.31
N LEU A 99 -19.71 -1.32 -13.21
CA LEU A 99 -19.70 -0.38 -14.32
C LEU A 99 -20.83 -0.68 -15.29
N LYS A 100 -20.94 -1.94 -15.73
CA LYS A 100 -22.02 -2.33 -16.62
C LYS A 100 -23.38 -1.94 -16.04
N TYR A 101 -23.57 -2.24 -14.75
CA TYR A 101 -24.85 -1.95 -14.11
C TYR A 101 -25.16 -0.46 -14.13
N ALA A 102 -24.16 0.36 -13.79
CA ALA A 102 -24.39 1.81 -13.76
C ALA A 102 -24.74 2.36 -15.13
N ILE A 103 -24.09 1.85 -16.18
CA ILE A 103 -24.39 2.31 -17.54
C ILE A 103 -25.83 2.00 -17.92
N LYS A 104 -26.25 0.75 -17.72
CA LYS A 104 -27.60 0.37 -18.10
C LYS A 104 -28.64 1.02 -17.20
N LYS A 105 -28.29 1.27 -15.93
CA LYS A 105 -29.20 1.99 -15.05
C LYS A 105 -29.50 3.39 -15.57
N ALA A 106 -28.54 4.00 -16.27
CA ALA A 106 -28.77 5.28 -16.93
C ALA A 106 -29.52 5.15 -18.24
N GLY A 107 -29.97 3.95 -18.60
CA GLY A 107 -30.69 3.76 -19.85
C GLY A 107 -29.82 3.77 -21.08
N LEU A 108 -28.53 3.51 -20.93
CA LEU A 108 -27.57 3.58 -22.02
C LEU A 108 -27.01 2.21 -22.35
N LEU A 109 -26.66 2.03 -23.62
CA LEU A 109 -25.75 0.96 -24.01
C LEU A 109 -24.31 1.43 -23.81
N PRO A 110 -23.37 0.51 -23.57
CA PRO A 110 -21.97 0.94 -23.41
C PRO A 110 -21.43 1.63 -24.64
N SER A 111 -21.92 1.29 -25.84
CA SER A 111 -21.53 2.00 -27.04
C SER A 111 -22.10 3.41 -27.12
N GLN A 112 -22.98 3.77 -26.19
CA GLN A 112 -23.58 5.10 -26.14
C GLN A 112 -23.00 5.98 -25.05
N ALA A 113 -22.04 5.46 -24.27
CA ALA A 113 -21.39 6.21 -23.23
C ALA A 113 -19.98 6.59 -23.67
N LYS A 114 -19.43 7.59 -22.99
CA LYS A 114 -18.05 8.01 -23.16
C LYS A 114 -17.34 7.91 -21.81
N TYR A 115 -16.02 8.04 -21.84
CA TYR A 115 -15.24 7.91 -20.61
C TYR A 115 -13.98 8.76 -20.71
N LYS A 116 -13.38 9.01 -19.56
CA LYS A 116 -12.09 9.67 -19.50
C LYS A 116 -11.44 9.33 -18.18
N LEU A 117 -10.11 9.35 -18.18
CA LEU A 117 -9.32 9.14 -16.97
C LEU A 117 -9.16 10.47 -16.26
N MET A 118 -9.36 10.48 -14.95
CA MET A 118 -8.99 11.60 -14.10
C MET A 118 -7.89 11.12 -13.16
N LEU A 119 -6.92 11.99 -12.93
CA LEU A 119 -5.81 11.64 -12.04
C LEU A 119 -5.86 12.56 -10.83
N ASP A 120 -5.95 11.96 -9.64
CA ASP A 120 -6.04 12.69 -8.39
C ASP A 120 -4.64 12.76 -7.78
N THR A 121 -4.13 13.97 -7.60
CA THR A 121 -2.74 14.16 -7.20
C THR A 121 -2.64 15.08 -5.98
N MLY A 122 -1.54 14.95 -5.26
CA MLY A 122 -1.18 15.98 -4.28
CB MLY A 122 0.12 15.69 -3.60
CG MLY A 122 0.24 14.37 -2.88
CD MLY A 122 1.48 14.20 -2.08
CE MLY A 122 1.53 12.93 -1.29
NZ MLY A 122 2.70 12.69 -0.39
CH1 MLY A 122 3.90 12.67 -1.22
CH2 MLY A 122 2.83 13.75 0.62
C MLY A 122 -1.16 17.32 -5.02
O MLY A 122 -0.66 17.40 -6.12
H MLY A 122 -0.99 14.29 -5.30
HA MLY A 122 -1.83 16.01 -3.55
HB2 MLY A 122 0.28 16.39 -2.96
HB3 MLY A 122 0.81 15.70 -4.29
HG2 MLY A 122 0.20 13.66 -3.53
HG3 MLY A 122 -0.51 14.30 -2.27
HD2 MLY A 122 1.56 14.94 -1.46
HD3 MLY A 122 2.25 14.20 -2.68
HE2 MLY A 122 1.51 12.18 -1.91
HE3 MLY A 122 0.74 12.90 -0.73
HH11 MLY A 122 4.68 12.11 -0.71
HH12 MLY A 122 4.25 13.69 -1.38
HH13 MLY A 122 3.68 12.21 -2.18
HH21 MLY A 122 3.83 13.73 1.04
HH22 MLY A 122 2.10 13.58 1.42
HH23 MLY A 122 2.64 14.72 0.16
N PRO A 123 -1.65 18.38 -4.37
CA PRO A 123 -1.79 19.64 -5.12
C PRO A 123 -0.47 20.25 -5.58
N GLY A 124 0.62 19.96 -4.89
CA GLY A 124 1.92 20.49 -5.27
C GLY A 124 2.63 19.79 -6.39
N ARG A 125 1.98 18.83 -7.03
CA ARG A 125 2.64 17.99 -8.03
C ARG A 125 3.11 18.83 -9.21
N PRO A 126 4.18 18.42 -9.88
CA PRO A 126 4.64 19.17 -11.05
C PRO A 126 3.67 19.03 -12.20
N ASP A 127 3.57 20.10 -13.00
CA ASP A 127 2.79 20.06 -14.21
C ASP A 127 3.41 19.07 -15.19
N VAL A 128 2.57 18.36 -15.93
CA VAL A 128 3.00 17.41 -16.95
C VAL A 128 2.39 17.81 -18.27
N GLU A 129 3.22 17.77 -19.35
CA GLU A 129 2.75 18.08 -20.67
C GLU A 129 1.48 17.31 -21.01
N GLY A 130 0.46 18.04 -21.45
CA GLY A 130 -0.81 17.46 -21.82
C GLY A 130 -1.82 17.38 -20.70
N TRP A 131 -1.48 17.85 -19.51
CA TRP A 131 -2.36 17.69 -18.34
C TRP A 131 -2.53 19.00 -17.57
N SER B 2 3.10 -13.01 3.82
CA SER B 2 3.82 -11.85 4.35
C SER B 2 2.86 -10.85 4.99
N THR B 3 3.29 -10.17 6.05
CA THR B 3 2.44 -9.25 6.79
C THR B 3 2.73 -7.81 6.35
N VAL B 4 1.68 -7.05 6.08
CA VAL B 4 1.80 -5.69 5.57
C VAL B 4 1.08 -4.75 6.52
N ALA B 5 1.72 -3.64 6.85
CA ALA B 5 1.10 -2.56 7.60
C ALA B 5 1.01 -1.36 6.67
N THR B 6 -0.18 -0.75 6.61
CA THR B 6 -0.47 0.31 5.65
C THR B 6 -0.53 1.65 6.38
N TYR B 7 0.31 2.58 5.95
CA TYR B 7 0.16 3.99 6.34
C TYR B 7 -0.68 4.64 5.25
N SER B 8 -2.00 4.69 5.49
CA SER B 8 -2.91 5.45 4.65
C SER B 8 -2.92 6.89 5.12
N TYR B 9 -2.77 7.82 4.17
CA TYR B 9 -2.75 9.23 4.51
C TYR B 9 -4.12 9.77 4.91
N THR B 10 -5.16 8.94 4.85
CA THR B 10 -6.42 9.28 5.51
C THR B 10 -6.31 9.22 7.02
N HIS B 11 -5.20 8.71 7.54
CA HIS B 11 -4.98 8.59 8.98
C HIS B 11 -3.76 9.42 9.38
N SER B 12 -3.75 9.80 10.66
CA SER B 12 -2.61 10.54 11.20
C SER B 12 -1.44 9.58 11.45
N VAL B 13 -0.24 10.12 11.34
CA VAL B 13 0.96 9.29 11.51
C VAL B 13 1.08 8.84 12.95
N THR B 14 0.58 9.63 13.91
CA THR B 14 0.57 9.21 15.30
C THR B 14 -0.29 7.98 15.49
N TYR B 15 -1.47 7.97 14.89
CA TYR B 15 -2.39 6.84 14.99
C TYR B 15 -1.82 5.60 14.32
N VAL B 16 -1.25 5.77 13.12
CA VAL B 16 -0.68 4.62 12.40
C VAL B 16 0.48 4.03 13.18
N THR B 17 1.37 4.88 13.70
CA THR B 17 2.50 4.38 14.47
C THR B 17 2.02 3.60 15.70
N ASP B 18 1.05 4.15 16.43
CA ASP B 18 0.51 3.46 17.59
C ASP B 18 -0.14 2.13 17.20
N ASN B 19 -0.81 2.09 16.05
CA ASN B 19 -1.46 0.86 15.61
C ASN B 19 -0.43 -0.20 15.23
N ILE B 20 0.66 0.21 14.55
CA ILE B 20 1.74 -0.75 14.26
C ILE B 20 2.28 -1.34 15.55
N LEU B 21 2.57 -0.49 16.53
CA LEU B 21 3.18 -1.00 17.76
C LEU B 21 2.21 -1.87 18.54
N LYS B 22 0.93 -1.49 18.55
CA LYS B 22 -0.07 -2.32 19.23
C LYS B 22 -0.18 -3.69 18.59
N SER B 23 -0.09 -3.75 17.25
CA SER B 23 -0.16 -5.04 16.58
C SER B 23 1.09 -5.88 16.84
N LEU B 24 2.24 -5.21 16.91
CA LEU B 24 3.48 -5.91 17.30
C LEU B 24 3.38 -6.42 18.72
N LYS B 25 2.85 -5.60 19.63
CA LYS B 25 2.68 -6.03 21.02
C LYS B 25 1.83 -7.28 21.11
N ASP B 26 0.81 -7.38 20.24
CA ASP B 26 -0.05 -8.57 20.25
C ASP B 26 0.72 -9.81 19.83
N ILE B 27 1.58 -9.68 18.81
CA ILE B 27 2.38 -10.82 18.37
C ILE B 27 3.29 -11.29 19.49
N ILE B 28 3.97 -10.35 20.15
CA ILE B 28 4.85 -10.68 21.27
C ILE B 28 4.07 -11.41 22.35
N LEU B 29 2.91 -10.87 22.71
CA LEU B 29 2.06 -11.49 23.72
C LEU B 29 1.62 -12.89 23.28
N LEU B 30 0.96 -12.98 22.13
CA LEU B 30 0.42 -14.26 21.67
C LEU B 30 1.51 -15.31 21.55
N SER B 31 2.73 -14.89 21.17
CA SER B 31 3.84 -15.83 21.04
C SER B 31 4.38 -16.31 22.37
N GLY B 32 3.99 -15.68 23.48
CA GLY B 32 4.49 -16.05 24.78
C GLY B 32 5.75 -15.34 25.21
N LEU B 33 6.24 -14.40 24.42
CA LEU B 33 7.42 -13.64 24.77
C LEU B 33 7.11 -12.66 25.91
N ASP B 34 8.13 -12.31 26.68
CA ASP B 34 7.94 -11.40 27.80
C ASP B 34 7.73 -9.98 27.28
N PRO B 35 6.60 -9.33 27.59
CA PRO B 35 6.31 -8.02 27.00
C PRO B 35 7.10 -6.86 27.57
N GLU B 36 7.86 -7.07 28.65
CA GLU B 36 8.46 -5.95 29.37
C GLU B 36 9.40 -5.15 28.49
N HIS B 37 10.27 -5.83 27.74
CA HIS B 37 11.25 -5.13 26.93
C HIS B 37 10.58 -4.24 25.89
N PHE B 38 9.52 -4.74 25.25
CA PHE B 38 8.82 -3.95 24.26
C PHE B 38 8.17 -2.73 24.91
N ALA B 39 7.62 -2.89 26.11
CA ALA B 39 7.03 -1.76 26.81
C ALA B 39 8.07 -0.70 27.14
N ASP B 40 9.24 -1.13 27.60
CA ASP B 40 10.33 -0.19 27.91
C ASP B 40 10.74 0.60 26.68
N ARG B 41 10.68 -0.02 25.51
CA ARG B 41 11.14 0.60 24.27
C ARG B 41 10.03 1.32 23.51
N TRP B 42 8.83 1.43 24.11
CA TRP B 42 7.69 1.96 23.36
C TRP B 42 7.94 3.38 22.88
N GLU B 43 8.44 4.25 23.76
CA GLU B 43 8.62 5.65 23.37
C GLU B 43 9.72 5.79 22.32
N SER B 44 10.81 5.03 22.47
CA SER B 44 11.88 5.07 21.46
C SER B 44 11.38 4.54 20.12
N ASN B 45 10.67 3.42 20.14
CA ASN B 45 10.14 2.84 18.90
C ASN B 45 9.14 3.80 18.26
N THR B 46 8.30 4.43 19.07
CA THR B 46 7.34 5.40 18.54
C THR B 46 8.06 6.53 17.81
N ARG B 47 9.10 7.08 18.44
CA ARG B 47 9.83 8.19 17.86
C ARG B 47 10.41 7.83 16.50
N ALA B 48 11.09 6.69 16.41
CA ALA B 48 11.73 6.29 15.16
C ALA B 48 10.69 6.00 14.08
N ILE B 49 9.64 5.24 14.42
CA ILE B 49 8.65 4.87 13.41
C ILE B 49 7.89 6.09 12.93
N LYS B 50 7.47 6.96 13.85
CA LYS B 50 6.77 8.18 13.45
C LYS B 50 7.62 9.02 12.51
N THR B 51 8.89 9.19 12.84
CA THR B 51 9.78 10.02 12.03
C THR B 51 9.95 9.45 10.64
N TRP B 52 10.22 8.14 10.56
CA TRP B 52 10.54 7.52 9.28
C TRP B 52 9.31 7.18 8.46
N LEU B 53 8.14 7.03 9.08
CA LEU B 53 6.89 7.02 8.31
C LEU B 53 6.64 8.39 7.68
N GLY B 54 6.92 9.45 8.43
CA GLY B 54 6.67 10.79 7.93
C GLY B 54 7.49 11.12 6.69
N THR B 55 8.73 10.61 6.63
CA THR B 55 9.59 10.84 5.49
C THR B 55 9.40 9.82 4.38
N GLY B 56 8.62 8.77 4.62
CA GLY B 56 8.47 7.71 3.65
C GLY B 56 9.64 6.79 3.50
N ASP B 57 10.58 6.82 4.47
CA ASP B 57 11.79 6.04 4.37
C ASP B 57 11.67 4.66 5.01
N LEU B 58 10.68 4.43 5.86
CA LEU B 58 10.54 3.15 6.55
C LEU B 58 10.01 2.11 5.58
N ARG B 59 10.78 1.06 5.36
CA ARG B 59 10.41 -0.02 4.44
C ARG B 59 9.87 -1.24 5.16
N LYS B 60 10.46 -1.60 6.30
CA LYS B 60 10.01 -2.77 7.06
C LYS B 60 10.26 -2.51 8.54
N VAL B 61 9.39 -3.10 9.36
CA VAL B 61 9.64 -3.26 10.79
C VAL B 61 9.87 -4.74 11.02
N ILE B 62 11.00 -5.07 11.66
CA ILE B 62 11.43 -6.46 11.77
C ILE B 62 11.52 -6.82 13.24
N LEU B 63 10.79 -7.86 13.63
CA LEU B 63 10.90 -8.43 14.98
C LEU B 63 11.92 -9.55 14.92
N GLU B 64 13.06 -9.37 15.60
CA GLU B 64 14.14 -10.33 15.60
C GLU B 64 14.12 -11.09 16.93
N ILE B 65 14.02 -12.42 16.85
CA ILE B 65 14.01 -13.30 18.01
C ILE B 65 15.38 -13.95 18.12
N TYR B 66 15.98 -13.95 19.30
CA TYR B 66 17.29 -14.56 19.46
C TYR B 66 17.38 -15.34 20.77
N ASN B 67 18.36 -16.22 20.81
CA ASN B 67 18.57 -17.12 21.95
C ASN B 67 19.49 -16.40 22.94
N PRO B 68 19.01 -16.08 24.16
CA PRO B 68 19.89 -15.36 25.10
C PRO B 68 21.03 -16.21 25.63
N ALA B 69 20.99 -17.53 25.45
CA ALA B 69 22.07 -18.40 25.91
C ALA B 69 23.21 -18.51 24.90
N THR B 70 22.94 -18.23 23.63
CA THR B 70 23.97 -18.27 22.60
C THR B 70 24.08 -16.97 21.81
N ASP B 71 23.12 -16.06 21.94
CA ASP B 71 23.08 -14.81 21.17
C ASP B 71 22.98 -15.08 19.68
N LYS B 72 22.39 -16.21 19.31
CA LYS B 72 22.17 -16.58 17.91
C LYS B 72 20.74 -16.25 17.49
N LEU B 73 20.60 -15.74 16.26
CA LEU B 73 19.29 -15.45 15.71
C LEU B 73 18.44 -16.71 15.67
N VAL B 74 17.21 -16.61 16.16
CA VAL B 74 16.27 -17.74 16.15
C VAL B 74 15.34 -17.63 14.93
N THR B 75 14.63 -16.52 14.80
CA THR B 75 13.82 -16.28 13.62
C THR B 75 13.53 -14.80 13.51
N ARG B 76 13.14 -14.38 12.30
CA ARG B 76 12.79 -13.01 12.02
C ARG B 76 11.36 -12.96 11.50
N TRP B 77 10.61 -11.96 11.93
CA TRP B 77 9.26 -11.74 11.42
C TRP B 77 9.18 -10.32 10.88
N ASP B 78 8.95 -10.19 9.58
CA ASP B 78 9.01 -8.92 8.87
C ASP B 78 7.63 -8.34 8.69
N ILE B 79 7.53 -7.04 8.96
CA ILE B 79 6.32 -6.26 8.68
C ILE B 79 6.69 -5.33 7.53
N ASP B 80 6.09 -5.54 6.36
CA ASP B 80 6.31 -4.66 5.23
C ASP B 80 5.39 -3.44 5.33
N ILE B 81 5.96 -2.26 5.08
CA ILE B 81 5.22 -1.00 5.16
C ILE B 81 4.81 -0.58 3.76
N VAL B 82 3.55 -0.21 3.60
CA VAL B 82 3.06 0.40 2.37
C VAL B 82 2.44 1.74 2.72
N TYR B 83 2.51 2.67 1.75
CA TYR B 83 2.02 4.03 1.91
C TYR B 83 0.98 4.32 0.84
N GLY B 84 -0.06 5.07 1.22
CA GLY B 84 -0.95 5.54 0.18
C GLY B 84 -2.35 5.89 0.64
N TRP B 85 -3.30 5.56 -0.24
CA TRP B 85 -4.64 6.12 -0.18
C TRP B 85 -5.69 5.03 -0.17
N SER B 86 -5.31 3.80 0.10
CA SER B 86 -6.22 2.73 0.42
C SER B 86 -6.72 2.90 1.85
N ASP B 87 -7.56 2.00 2.30
CA ASP B 87 -7.89 1.93 3.71
C ASP B 87 -6.79 1.13 4.40
N GLY B 88 -6.59 1.43 5.67
CA GLY B 88 -5.46 0.86 6.38
C GLY B 88 -4.94 1.83 7.40
N ASP B 89 -4.95 1.42 8.67
CA ASP B 89 -4.60 2.31 9.76
C ASP B 89 -3.34 1.86 10.48
N GLY B 90 -2.58 0.92 9.89
CA GLY B 90 -1.36 0.45 10.47
C GLY B 90 -1.50 -0.84 11.25
N SER B 91 -2.72 -1.22 11.62
CA SER B 91 -2.96 -2.46 12.32
C SER B 91 -2.82 -3.65 11.38
N PHE B 92 -2.47 -4.80 11.94
CA PHE B 92 -2.36 -6.03 11.18
C PHE B 92 -2.55 -7.20 12.14
N TRP B 93 -3.04 -8.32 11.59
CA TRP B 93 -3.31 -9.52 12.34
C TRP B 93 -2.71 -10.70 11.57
N THR B 94 -1.97 -11.55 12.28
CA THR B 94 -1.28 -12.67 11.65
C THR B 94 -1.38 -13.90 12.53
N ASP B 95 -1.15 -15.05 11.91
CA ASP B 95 -1.01 -16.31 12.63
C ASP B 95 0.36 -16.35 13.29
N THR B 96 0.38 -16.47 14.61
CA THR B 96 1.64 -16.52 15.35
C THR B 96 2.20 -17.92 15.47
N GLU B 97 1.56 -18.92 14.86
CA GLU B 97 2.07 -20.29 14.96
C GLU B 97 3.44 -20.41 14.32
N GLN B 98 3.66 -19.71 13.20
CA GLN B 98 4.98 -19.69 12.58
C GLN B 98 6.04 -19.26 13.59
N LEU B 99 5.74 -18.25 14.40
CA LEU B 99 6.68 -17.76 15.39
C LEU B 99 6.82 -18.74 16.55
N LYS B 100 5.70 -19.16 17.14
CA LYS B 100 5.74 -20.16 18.18
C LYS B 100 6.53 -21.40 17.73
N TYR B 101 6.22 -21.90 16.53
CA TYR B 101 6.88 -23.10 16.03
C TYR B 101 8.40 -22.93 15.98
N ALA B 102 8.86 -21.76 15.51
CA ALA B 102 10.30 -21.54 15.42
C ALA B 102 10.97 -21.50 16.79
N ILE B 103 10.29 -20.91 17.78
CA ILE B 103 10.86 -20.86 19.13
C ILE B 103 10.96 -22.26 19.72
N LYS B 104 9.86 -23.02 19.69
CA LYS B 104 9.90 -24.39 20.18
C LYS B 104 10.88 -25.25 19.41
N LYS B 105 11.02 -24.99 18.10
CA LYS B 105 11.91 -25.78 17.27
C LYS B 105 13.35 -25.61 17.72
N ALA B 106 13.73 -24.40 18.13
CA ALA B 106 15.10 -24.15 18.61
C ALA B 106 15.33 -24.65 20.02
N GLY B 107 14.34 -25.29 20.64
CA GLY B 107 14.52 -25.90 21.94
C GLY B 107 14.19 -25.01 23.11
N LEU B 108 13.41 -23.95 22.91
CA LEU B 108 13.18 -22.97 23.94
C LEU B 108 11.69 -22.86 24.27
N LEU B 109 11.42 -22.36 25.49
CA LEU B 109 10.11 -21.85 25.87
C LEU B 109 10.04 -20.37 25.51
N PRO B 110 8.85 -19.82 25.27
CA PRO B 110 8.77 -18.40 24.89
C PRO B 110 9.45 -17.48 25.88
N SER B 111 9.28 -17.72 27.18
CA SER B 111 9.95 -16.92 28.19
C SER B 111 11.46 -16.95 28.03
N GLN B 112 12.00 -18.05 27.52
CA GLN B 112 13.45 -18.26 27.42
C GLN B 112 14.03 -17.67 26.14
N ALA B 113 13.36 -16.70 25.52
CA ALA B 113 13.83 -16.07 24.30
C ALA B 113 13.83 -14.56 24.49
N LYS B 114 14.76 -13.90 23.80
CA LYS B 114 14.82 -12.45 23.75
C LYS B 114 14.45 -11.95 22.35
N TYR B 115 14.21 -10.65 22.25
CA TYR B 115 13.78 -10.08 20.98
C TYR B 115 14.19 -8.62 20.91
N LYS B 116 14.23 -8.09 19.69
CA LYS B 116 14.49 -6.68 19.46
C LYS B 116 13.82 -6.28 18.15
N LEU B 117 13.52 -4.99 18.05
CA LEU B 117 12.90 -4.42 16.86
C LEU B 117 13.99 -3.77 16.01
N MET B 118 14.03 -4.11 14.73
CA MET B 118 14.92 -3.47 13.78
C MET B 118 14.09 -2.80 12.68
N LEU B 119 14.53 -1.62 12.28
CA LEU B 119 13.80 -0.81 11.30
C LEU B 119 14.61 -0.73 10.02
N ASP B 120 14.03 -1.22 8.92
CA ASP B 120 14.68 -1.22 7.62
C ASP B 120 14.25 0.05 6.87
N THR B 121 15.22 0.88 6.50
CA THR B 121 14.95 2.20 5.97
C THR B 121 15.71 2.42 4.67
N LYS B 122 15.22 3.38 3.89
CA LYS B 122 15.99 3.90 2.77
C LYS B 122 17.32 4.45 3.29
N PRO B 123 18.40 4.31 2.53
CA PRO B 123 19.70 4.79 3.04
C PRO B 123 19.75 6.26 3.40
N GLY B 124 19.03 7.12 2.68
CA GLY B 124 19.10 8.55 2.94
C GLY B 124 18.32 9.01 4.14
N ARG B 125 17.97 8.06 5.02
CA ARG B 125 17.13 8.35 6.16
C ARG B 125 17.71 9.49 6.99
N PRO B 126 16.88 10.40 7.51
CA PRO B 126 17.38 11.36 8.50
C PRO B 126 17.64 10.67 9.83
N ASP B 127 18.64 11.19 10.54
CA ASP B 127 19.03 10.58 11.81
C ASP B 127 17.95 10.74 12.87
N VAL B 128 17.82 9.72 13.72
CA VAL B 128 16.93 9.75 14.87
C VAL B 128 17.74 9.41 16.10
N GLU B 129 17.48 10.11 17.20
CA GLU B 129 18.20 9.90 18.44
C GLU B 129 18.06 8.47 18.93
N GLY B 130 19.15 7.70 18.88
CA GLY B 130 19.18 6.36 19.42
C GLY B 130 19.04 5.24 18.43
N TRP B 131 19.18 5.51 17.13
CA TRP B 131 19.05 4.47 16.12
C TRP B 131 20.19 4.57 15.10
NI NI C . 7.56 -8.99 -10.94
CL CL D . 6.33 16.84 -18.85
#